data_7XNJ
#
_entry.id   7XNJ
#
_cell.length_a   36.643
_cell.length_b   36.833
_cell.length_c   122.462
_cell.angle_alpha   90.000
_cell.angle_beta   93.288
_cell.angle_gamma   90.000
#
_symmetry.space_group_name_H-M   'P 1 21 1'
#
loop_
_entity.id
_entity.type
_entity.pdbx_description
1 polymer 'Stress Response Facilitator A, SrfA'
2 water water
#
_entity_poly.entity_id   1
_entity_poly.type   'polypeptide(L)'
_entity_poly.pdbx_seq_one_letter_code
;MAESQDKYTRRTGRTWADDQATYNRLREEADAARQKLRESGYSGAEYDQLRQAAFDLNRKANQYWEQMLSDLRQED
;
_entity_poly.pdbx_strand_id   A,B,C,D
#
# COMPACT_ATOMS: atom_id res chain seq x y z
N LYS A 7 11.28 16.25 -3.64
CA LYS A 7 11.06 17.07 -2.45
C LYS A 7 12.09 16.82 -1.33
N TYR A 8 12.74 15.68 -1.31
CA TYR A 8 13.80 15.42 -0.36
C TYR A 8 14.87 16.49 -0.40
N THR A 9 15.11 17.05 -1.57
CA THR A 9 16.20 18.01 -1.72
C THR A 9 16.00 19.26 -0.86
N ARG A 10 14.77 19.54 -0.45
CA ARG A 10 14.44 20.78 0.25
C ARG A 10 15.07 20.86 1.64
N ARG A 11 15.25 19.73 2.32
CA ARG A 11 15.65 19.77 3.72
C ARG A 11 16.99 20.48 3.91
N THR A 12 18.02 20.04 3.20
CA THR A 12 19.34 20.61 3.37
C THR A 12 19.91 21.25 2.10
N GLY A 13 19.26 21.05 0.95
CA GLY A 13 19.81 21.41 -0.34
C GLY A 13 20.48 20.25 -1.06
N ARG A 14 20.85 19.19 -0.35
CA ARG A 14 21.45 18.01 -0.96
C ARG A 14 20.38 17.09 -1.50
N THR A 15 20.74 16.35 -2.55
CA THR A 15 19.86 15.32 -3.10
C THR A 15 20.08 13.99 -2.40
N TRP A 16 19.20 13.03 -2.69
CA TRP A 16 19.40 11.65 -2.24
C TRP A 16 20.81 11.17 -2.58
N ALA A 17 21.24 11.40 -3.82
CA ALA A 17 22.57 10.94 -4.24
C ALA A 17 23.69 11.57 -3.42
N ASP A 18 23.57 12.87 -3.12
CA ASP A 18 24.52 13.48 -2.17
C ASP A 18 24.58 12.69 -0.88
N ASP A 19 23.46 12.24 -0.38
CA ASP A 19 23.47 11.58 0.89
C ASP A 19 23.90 10.12 0.81
N GLN A 20 23.69 9.51 -0.33
CA GLN A 20 24.18 8.14 -0.47
C GLN A 20 25.71 8.09 -0.33
N ALA A 21 26.41 9.13 -0.75
CA ALA A 21 27.87 9.15 -0.57
C ALA A 21 28.25 9.25 0.89
N THR A 22 27.47 10.00 1.68
CA THR A 22 27.78 10.12 3.10
C THR A 22 27.53 8.79 3.81
N TYR A 23 26.36 8.21 3.57
CA TYR A 23 26.05 6.92 4.16
C TYR A 23 27.16 5.91 3.87
N ASN A 24 27.50 5.73 2.58
CA ASN A 24 28.57 4.82 2.21
C ASN A 24 29.81 5.06 3.07
N ARG A 25 30.27 6.30 3.10
CA ARG A 25 31.40 6.73 3.92
C ARG A 25 31.24 6.26 5.37
N LEU A 26 30.12 6.63 6.00
CA LEU A 26 29.93 6.33 7.42
C LEU A 26 29.85 4.83 7.66
N ARG A 27 29.15 4.11 6.78
CA ARG A 27 28.99 2.67 6.94
C ARG A 27 30.32 1.97 6.79
N GLU A 28 31.12 2.42 5.82
CA GLU A 28 32.42 1.81 5.61
C GLU A 28 33.34 2.00 6.81
N GLU A 29 33.32 3.19 7.41
CA GLU A 29 34.22 3.43 8.55
C GLU A 29 33.80 2.60 9.77
N ALA A 30 32.51 2.38 9.97
CA ALA A 30 32.06 1.59 11.12
C ALA A 30 32.42 0.13 10.94
N ASP A 31 32.18 -0.41 9.74
CA ASP A 31 32.54 -1.80 9.48
C ASP A 31 34.05 -2.00 9.57
N ALA A 32 34.82 -1.02 9.09
CA ALA A 32 36.27 -1.08 9.25
C ALA A 32 36.67 -1.12 10.72
N ALA A 33 35.96 -0.35 11.56
CA ALA A 33 36.30 -0.31 12.97
C ALA A 33 35.96 -1.63 13.67
N ARG A 34 34.81 -2.21 13.35
CA ARG A 34 34.48 -3.53 13.89
C ARG A 34 35.49 -4.58 13.42
N GLN A 35 35.91 -4.50 12.15
CA GLN A 35 36.85 -5.46 11.61
C GLN A 35 38.12 -5.51 12.43
N LYS A 36 38.54 -4.37 12.98
CA LYS A 36 39.75 -4.32 13.80
C LYS A 36 39.68 -5.34 14.93
N LEU A 37 38.50 -5.53 15.51
CA LEU A 37 38.40 -6.46 16.63
C LEU A 37 38.55 -7.90 16.20
N ARG A 38 38.60 -8.19 14.91
CA ARG A 38 38.91 -9.52 14.43
C ARG A 38 40.41 -9.77 14.30
N GLU A 39 41.24 -8.74 14.43
CA GLU A 39 42.68 -8.91 14.38
C GLU A 39 43.23 -9.20 15.78
N SER A 40 44.30 -9.99 15.81
CA SER A 40 44.92 -10.43 17.04
C SER A 40 46.07 -9.51 17.42
N GLY A 41 46.35 -9.45 18.72
CA GLY A 41 47.54 -8.78 19.23
C GLY A 41 47.26 -7.68 20.25
N TYR A 42 46.06 -7.10 20.28
CA TYR A 42 45.82 -5.94 21.12
C TYR A 42 45.78 -6.32 22.59
N SER A 43 45.94 -5.30 23.44
CA SER A 43 45.75 -5.42 24.87
C SER A 43 44.27 -5.34 25.21
N GLY A 44 43.93 -5.83 26.41
CA GLY A 44 42.54 -5.75 26.86
C GLY A 44 42.02 -4.32 26.83
N ALA A 45 42.82 -3.37 27.28
CA ALA A 45 42.43 -1.96 27.25
C ALA A 45 42.24 -1.49 25.81
N GLU A 46 43.21 -1.79 24.95
CA GLU A 46 43.09 -1.43 23.53
C GLU A 46 41.84 -2.06 22.92
N TYR A 47 41.58 -3.33 23.24
CA TYR A 47 40.42 -4.01 22.69
C TYR A 47 39.13 -3.33 23.14
N ASP A 48 39.05 -2.97 24.43
CA ASP A 48 37.89 -2.26 24.97
C ASP A 48 37.61 -1.00 24.16
N GLN A 49 38.64 -0.18 23.94
CA GLN A 49 38.48 1.07 23.22
C GLN A 49 38.01 0.83 21.80
N LEU A 50 38.59 -0.15 21.11
CA LEU A 50 38.19 -0.40 19.73
C LEU A 50 36.72 -0.74 19.65
N ARG A 51 36.21 -1.54 20.60
CA ARG A 51 34.79 -1.84 20.61
C ARG A 51 33.97 -0.59 20.81
N GLN A 52 34.35 0.26 21.77
CA GLN A 52 33.63 1.49 21.97
C GLN A 52 33.58 2.31 20.68
N ALA A 53 34.73 2.43 20.01
CA ALA A 53 34.79 3.17 18.76
C ALA A 53 33.87 2.56 17.71
N ALA A 54 33.83 1.22 17.65
CA ALA A 54 32.95 0.60 16.67
C ALA A 54 31.49 0.85 17.02
N PHE A 55 31.16 0.80 18.30
CA PHE A 55 29.80 1.12 18.70
C PHE A 55 29.45 2.56 18.34
N ASP A 56 30.37 3.49 18.60
CA ASP A 56 30.11 4.88 18.29
C ASP A 56 29.90 5.09 16.79
N LEU A 57 30.80 4.52 15.96
CA LEU A 57 30.70 4.77 14.53
C LEU A 57 29.48 4.08 13.91
N ASN A 58 29.10 2.92 14.42
CA ASN A 58 27.90 2.31 13.89
C ASN A 58 26.66 3.13 14.21
N ARG A 59 26.61 3.71 15.42
CA ARG A 59 25.48 4.55 15.78
C ARG A 59 25.34 5.70 14.81
N LYS A 60 26.47 6.34 14.46
CA LYS A 60 26.43 7.47 13.53
C LYS A 60 25.90 7.04 12.18
N ALA A 61 26.40 5.91 11.66
CA ALA A 61 25.96 5.44 10.34
C ALA A 61 24.50 5.03 10.34
N ASN A 62 24.08 4.28 11.35
CA ASN A 62 22.68 3.89 11.44
C ASN A 62 21.78 5.12 11.57
N GLN A 63 22.18 6.09 12.40
CA GLN A 63 21.39 7.31 12.55
C GLN A 63 21.29 8.07 11.23
N TYR A 64 22.33 8.02 10.40
CA TYR A 64 22.25 8.69 9.12
C TYR A 64 21.26 7.99 8.20
N TRP A 65 21.27 6.66 8.22
CA TRP A 65 20.31 5.89 7.42
C TRP A 65 18.88 6.22 7.85
N GLU A 66 18.63 6.25 9.16
CA GLU A 66 17.28 6.55 9.63
C GLU A 66 16.89 7.99 9.34
N GLN A 67 17.88 8.90 9.30
CA GLN A 67 17.61 10.28 8.95
C GLN A 67 17.17 10.39 7.49
N MET A 68 17.82 9.61 6.62
CA MET A 68 17.43 9.57 5.22
C MET A 68 16.02 9.02 5.06
N LEU A 69 15.68 7.95 5.78
CA LEU A 69 14.34 7.40 5.72
C LEU A 69 13.31 8.42 6.19
N SER A 70 13.60 9.17 7.25
CA SER A 70 12.57 10.06 7.77
C SER A 70 12.41 11.29 6.89
N ASP A 71 13.49 11.69 6.20
CA ASP A 71 13.44 12.84 5.31
C ASP A 71 12.70 12.55 4.01
N LEU A 72 12.23 11.32 3.80
CA LEU A 72 11.50 11.02 2.58
C LEU A 72 10.10 11.61 2.55
N ARG A 73 9.50 11.95 3.69
CA ARG A 73 8.30 12.77 3.62
C ARG A 73 8.57 14.19 4.06
N ASP B 6 37.12 -18.53 15.60
CA ASP B 6 37.36 -19.50 16.66
C ASP B 6 36.71 -19.08 17.99
N LYS B 7 37.17 -17.96 18.56
CA LYS B 7 36.50 -17.43 19.76
C LYS B 7 35.05 -17.06 19.47
N TYR B 8 34.79 -16.46 18.30
CA TYR B 8 33.43 -16.08 17.95
C TYR B 8 32.51 -17.29 17.88
N THR B 9 32.97 -18.35 17.21
CA THR B 9 32.19 -19.58 17.10
C THR B 9 32.03 -20.25 18.46
N ARG B 10 33.07 -20.21 19.29
CA ARG B 10 32.93 -20.69 20.66
C ARG B 10 31.81 -19.95 21.38
N ARG B 11 31.83 -18.62 21.33
CA ARG B 11 30.87 -17.84 22.10
C ARG B 11 29.45 -17.98 21.53
N THR B 12 29.30 -17.92 20.21
CA THR B 12 27.97 -17.83 19.64
C THR B 12 27.42 -19.15 19.15
N GLY B 13 28.28 -20.13 18.86
CA GLY B 13 27.81 -21.29 18.14
C GLY B 13 27.60 -21.06 16.66
N ARG B 14 28.03 -19.91 16.13
CA ARG B 14 27.90 -19.60 14.71
C ARG B 14 29.23 -19.07 14.18
N THR B 15 29.44 -19.24 12.88
CA THR B 15 30.66 -18.68 12.30
C THR B 15 30.42 -17.24 11.87
N TRP B 16 31.48 -16.45 11.96
CA TRP B 16 31.45 -15.08 11.49
C TRP B 16 30.93 -15.00 10.07
N ALA B 17 31.40 -15.92 9.22
CA ALA B 17 30.98 -15.95 7.81
C ALA B 17 29.46 -16.08 7.70
N ASP B 18 28.87 -17.02 8.44
CA ASP B 18 27.44 -17.26 8.38
C ASP B 18 26.67 -16.06 8.93
N ASP B 19 27.11 -15.50 10.04
CA ASP B 19 26.41 -14.34 10.58
C ASP B 19 26.52 -13.14 9.65
N GLN B 20 27.69 -12.98 9.01
CA GLN B 20 27.80 -11.95 7.99
C GLN B 20 26.80 -12.16 6.87
N ALA B 21 26.62 -13.40 6.43
CA ALA B 21 25.62 -13.65 5.39
C ALA B 21 24.21 -13.35 5.89
N THR B 22 23.90 -13.71 7.12
CA THR B 22 22.58 -13.41 7.68
C THR B 22 22.35 -11.91 7.76
N TYR B 23 23.31 -11.17 8.35
CA TYR B 23 23.21 -9.73 8.43
C TYR B 23 23.01 -9.11 7.04
N ASN B 24 23.75 -9.61 6.05
CA ASN B 24 23.62 -9.09 4.69
C ASN B 24 22.20 -9.25 4.18
N ARG B 25 21.55 -10.37 4.48
CA ARG B 25 20.15 -10.52 4.07
C ARG B 25 19.26 -9.50 4.79
N LEU B 26 19.43 -9.34 6.10
CA LEU B 26 18.64 -8.33 6.81
C LEU B 26 18.94 -6.92 6.29
N ARG B 27 20.22 -6.58 6.07
CA ARG B 27 20.56 -5.27 5.50
C ARG B 27 19.82 -5.06 4.18
N GLU B 28 19.88 -6.04 3.28
CA GLU B 28 19.27 -5.86 1.96
C GLU B 28 17.76 -5.72 2.06
N GLU B 29 17.10 -6.45 2.97
CA GLU B 29 15.65 -6.32 3.09
C GLU B 29 15.25 -4.96 3.68
N ALA B 30 15.95 -4.50 4.70
CA ALA B 30 15.73 -3.13 5.15
C ALA B 30 15.92 -2.13 4.01
N ASP B 31 17.03 -2.26 3.27
CA ASP B 31 17.30 -1.34 2.17
C ASP B 31 16.22 -1.43 1.09
N ALA B 32 15.77 -2.64 0.77
CA ALA B 32 14.74 -2.76 -0.27
C ALA B 32 13.41 -2.18 0.18
N ALA B 33 13.13 -2.20 1.48
CA ALA B 33 11.88 -1.63 1.97
C ALA B 33 11.91 -0.10 1.90
N ARG B 34 13.05 0.50 2.27
CA ARG B 34 13.20 1.94 2.13
C ARG B 34 13.16 2.38 0.68
N GLN B 35 13.78 1.60 -0.21
CA GLN B 35 13.71 1.91 -1.63
C GLN B 35 12.27 1.86 -2.12
N LYS B 36 11.47 0.93 -1.59
CA LYS B 36 10.06 0.85 -1.97
C LYS B 36 9.31 2.07 -1.50
N LEU B 37 9.63 2.56 -0.30
CA LEU B 37 9.01 3.79 0.19
C LEU B 37 9.34 4.98 -0.72
N ARG B 38 10.62 5.19 -1.02
CA ARG B 38 11.02 6.28 -1.90
C ARG B 38 10.31 6.21 -3.23
N GLU B 39 10.09 4.98 -3.74
CA GLU B 39 9.39 4.75 -5.00
C GLU B 39 7.88 4.83 -4.87
N SER B 40 7.35 5.03 -3.66
CA SER B 40 5.93 4.82 -3.42
C SER B 40 5.13 6.09 -3.71
N GLY B 41 4.01 5.91 -4.39
CA GLY B 41 3.03 6.96 -4.55
C GLY B 41 2.02 7.00 -3.43
N TYR B 42 2.20 6.17 -2.39
CA TYR B 42 1.29 6.16 -1.27
C TYR B 42 1.28 7.51 -0.57
N SER B 43 0.33 7.66 0.35
CA SER B 43 0.28 8.80 1.25
C SER B 43 -0.46 8.37 2.51
N GLY B 44 -0.58 9.31 3.45
CA GLY B 44 -1.35 9.07 4.65
C GLY B 44 -0.89 7.83 5.41
N ALA B 45 -1.86 7.02 5.82
CA ALA B 45 -1.57 5.86 6.65
C ALA B 45 -0.77 4.81 5.90
N GLU B 46 -0.98 4.69 4.60
CA GLU B 46 -0.28 3.64 3.86
C GLU B 46 1.20 3.98 3.69
N TYR B 47 1.50 5.24 3.37
CA TYR B 47 2.89 5.67 3.39
C TYR B 47 3.51 5.43 4.75
N ASP B 48 2.78 5.75 5.83
CA ASP B 48 3.27 5.56 7.18
C ASP B 48 3.62 4.10 7.44
N GLN B 49 2.74 3.18 7.04
CA GLN B 49 2.96 1.78 7.34
C GLN B 49 4.19 1.26 6.60
N LEU B 50 4.33 1.61 5.31
CA LEU B 50 5.55 1.24 4.59
C LEU B 50 6.78 1.86 5.26
N ARG B 51 6.65 3.08 5.75
CA ARG B 51 7.76 3.74 6.42
C ARG B 51 8.10 3.07 7.75
N GLN B 52 7.07 2.74 8.55
CA GLN B 52 7.32 2.00 9.78
C GLN B 52 7.92 0.62 9.48
N ALA B 53 7.52 -0.01 8.38
CA ALA B 53 8.09 -1.31 8.03
C ALA B 53 9.57 -1.18 7.72
N ALA B 54 9.94 -0.15 6.96
CA ALA B 54 11.35 0.11 6.68
C ALA B 54 12.12 0.34 7.96
N PHE B 55 11.56 1.12 8.88
CA PHE B 55 12.23 1.36 10.15
C PHE B 55 12.44 0.06 10.92
N ASP B 56 11.39 -0.76 11.01
CA ASP B 56 11.49 -1.99 11.78
C ASP B 56 12.53 -2.94 11.18
N LEU B 57 12.53 -3.10 9.86
CA LEU B 57 13.52 -3.99 9.25
C LEU B 57 14.93 -3.48 9.48
N ASN B 58 15.15 -2.17 9.32
CA ASN B 58 16.47 -1.59 9.56
C ASN B 58 16.94 -1.83 10.99
N ARG B 59 16.03 -1.68 11.96
CA ARG B 59 16.39 -1.94 13.35
C ARG B 59 16.78 -3.41 13.55
N LYS B 60 16.05 -4.32 12.90
CA LYS B 60 16.42 -5.72 13.00
C LYS B 60 17.82 -5.95 12.45
N ALA B 61 18.13 -5.33 11.30
CA ALA B 61 19.47 -5.45 10.74
C ALA B 61 20.52 -4.76 11.61
N ASN B 62 20.20 -3.59 12.16
CA ASN B 62 21.17 -2.88 12.99
C ASN B 62 21.46 -3.64 14.27
N GLN B 63 20.42 -4.20 14.90
CA GLN B 63 20.62 -4.93 16.14
C GLN B 63 21.48 -6.19 15.93
N TYR B 64 21.37 -6.81 14.76
CA TYR B 64 22.18 -8.00 14.46
C TYR B 64 23.65 -7.63 14.34
N TRP B 65 23.94 -6.55 13.60
CA TRP B 65 25.29 -6.03 13.53
C TRP B 65 25.84 -5.76 14.92
N GLU B 66 25.02 -5.16 15.79
CA GLU B 66 25.48 -4.80 17.13
C GLU B 66 25.70 -6.04 18.00
N GLN B 67 24.90 -7.09 17.80
CA GLN B 67 25.11 -8.33 18.55
C GLN B 67 26.40 -9.02 18.09
N MET B 68 26.65 -9.00 16.78
CA MET B 68 27.91 -9.52 16.26
C MET B 68 29.09 -8.78 16.86
N LEU B 69 29.01 -7.44 16.93
CA LEU B 69 30.07 -6.66 17.55
C LEU B 69 30.22 -7.03 19.02
N SER B 70 29.10 -7.15 19.74
CA SER B 70 29.15 -7.57 21.13
C SER B 70 29.77 -8.95 21.28
N ASP B 71 29.57 -9.83 20.30
CA ASP B 71 30.07 -11.17 20.46
C ASP B 71 31.55 -11.29 20.12
N LEU B 72 32.21 -10.20 19.78
CA LEU B 72 33.68 -10.22 19.70
C LEU B 72 34.17 -10.03 21.13
N ARG B 73 34.55 -11.16 21.76
CA ARG B 73 34.85 -11.39 23.17
C ARG B 73 33.69 -11.30 24.17
N GLN B 74 33.07 -10.14 24.43
CA GLN B 74 31.93 -10.14 25.40
C GLN B 74 30.80 -9.20 25.01
N THR C 9 -13.36 18.05 -13.25
CA THR C 9 -13.44 19.14 -12.29
C THR C 9 -13.21 20.46 -13.04
N ARG C 10 -12.16 20.48 -13.86
CA ARG C 10 -12.02 21.43 -14.95
C ARG C 10 -12.52 20.87 -16.28
N ARG C 11 -12.95 19.61 -16.30
CA ARG C 11 -13.24 18.95 -17.56
C ARG C 11 -14.58 19.36 -18.16
N THR C 12 -15.57 19.75 -17.34
CA THR C 12 -16.83 20.28 -17.88
C THR C 12 -17.25 21.59 -17.24
N GLY C 13 -16.55 22.07 -16.22
CA GLY C 13 -16.98 23.18 -15.41
C GLY C 13 -17.78 22.79 -14.18
N ARG C 14 -18.39 21.61 -14.17
CA ARG C 14 -19.16 21.18 -13.02
C ARG C 14 -18.25 20.64 -11.93
N THR C 15 -18.72 20.70 -10.70
CA THR C 15 -18.00 20.16 -9.56
C THR C 15 -18.45 18.72 -9.30
N TRP C 16 -17.70 18.05 -8.42
CA TRP C 16 -18.14 16.73 -7.96
C TRP C 16 -19.57 16.78 -7.44
N ALA C 17 -19.92 17.85 -6.71
CA ALA C 17 -21.26 17.96 -6.16
C ALA C 17 -22.33 18.07 -7.24
N ASP C 18 -22.07 18.84 -8.30
CA ASP C 18 -22.97 18.84 -9.46
C ASP C 18 -23.15 17.44 -10.01
N ASP C 19 -22.08 16.65 -10.08
CA ASP C 19 -22.21 15.35 -10.72
C ASP C 19 -22.93 14.36 -9.81
N GLN C 20 -22.66 14.43 -8.50
CA GLN C 20 -23.40 13.61 -7.55
C GLN C 20 -24.90 13.77 -7.72
N ALA C 21 -25.38 15.00 -7.98
CA ALA C 21 -26.81 15.20 -8.23
C ALA C 21 -27.27 14.39 -9.44
N THR C 22 -26.47 14.36 -10.50
CA THR C 22 -26.88 13.63 -11.70
C THR C 22 -26.90 12.13 -11.42
N TYR C 23 -25.83 11.63 -10.80
CA TYR C 23 -25.77 10.21 -10.51
C TYR C 23 -26.99 9.76 -9.71
N ASN C 24 -27.34 10.52 -8.66
CA ASN C 24 -28.53 10.19 -7.87
C ASN C 24 -29.76 9.99 -8.76
N ARG C 25 -30.01 10.91 -9.70
CA ARG C 25 -31.11 10.81 -10.65
C ARG C 25 -31.06 9.53 -11.46
N LEU C 26 -29.94 9.30 -12.14
CA LEU C 26 -29.84 8.16 -13.03
C LEU C 26 -30.00 6.86 -12.25
N ARG C 27 -29.36 6.77 -11.08
CA ARG C 27 -29.43 5.55 -10.29
C ARG C 27 -30.85 5.32 -9.80
N GLU C 28 -31.50 6.40 -9.34
CA GLU C 28 -32.86 6.29 -8.84
C GLU C 28 -33.82 5.83 -9.95
N GLU C 29 -33.68 6.41 -11.15
CA GLU C 29 -34.57 6.06 -12.25
C GLU C 29 -34.35 4.63 -12.73
N ALA C 30 -33.10 4.19 -12.76
CA ALA C 30 -32.83 2.80 -13.13
C ALA C 30 -33.38 1.85 -12.09
N ASP C 31 -33.25 2.19 -10.80
CA ASP C 31 -33.77 1.31 -9.76
C ASP C 31 -35.29 1.24 -9.84
N ALA C 32 -35.95 2.37 -10.08
CA ALA C 32 -37.41 2.35 -10.22
C ALA C 32 -37.83 1.52 -11.43
N ALA C 33 -37.09 1.61 -12.52
CA ALA C 33 -37.36 0.79 -13.70
C ALA C 33 -37.33 -0.70 -13.35
N ARG C 34 -36.25 -1.16 -12.70
CA ARG C 34 -36.16 -2.57 -12.35
C ARG C 34 -37.30 -2.98 -11.41
N GLN C 35 -37.69 -2.08 -10.50
CA GLN C 35 -38.74 -2.38 -9.55
C GLN C 35 -40.08 -2.60 -10.23
N LYS C 36 -40.32 -1.94 -11.38
CA LYS C 36 -41.59 -2.18 -12.09
C LYS C 36 -41.77 -3.66 -12.45
N LEU C 37 -40.68 -4.39 -12.64
CA LEU C 37 -40.76 -5.82 -12.91
C LEU C 37 -41.11 -6.65 -11.68
N ARG C 38 -41.18 -6.04 -10.50
CA ARG C 38 -41.61 -6.72 -9.29
C ARG C 38 -43.12 -6.62 -9.09
N GLU C 39 -43.83 -6.06 -10.06
CA GLU C 39 -45.29 -6.05 -10.03
C GLU C 39 -45.86 -7.15 -10.94
N TYR C 42 -48.50 -7.16 -15.80
CA TYR C 42 -48.14 -6.92 -17.20
C TYR C 42 -48.16 -8.21 -17.98
N SER C 43 -48.05 -8.10 -19.31
CA SER C 43 -48.05 -9.24 -20.21
C SER C 43 -46.62 -9.62 -20.60
N GLY C 44 -46.50 -10.62 -21.47
CA GLY C 44 -45.22 -11.18 -21.85
C GLY C 44 -44.21 -10.20 -22.43
N ALA C 45 -44.45 -9.72 -23.65
CA ALA C 45 -43.50 -8.79 -24.25
C ALA C 45 -43.50 -7.42 -23.55
N GLU C 46 -44.60 -7.05 -22.88
CA GLU C 46 -44.58 -5.83 -22.08
C GLU C 46 -43.62 -5.96 -20.90
N TYR C 47 -43.58 -7.14 -20.30
CA TYR C 47 -42.59 -7.42 -19.27
C TYR C 47 -41.18 -7.35 -19.85
N ASP C 48 -40.99 -7.93 -21.03
CA ASP C 48 -39.69 -7.88 -21.70
C ASP C 48 -39.29 -6.44 -21.99
N GLN C 49 -40.27 -5.61 -22.38
CA GLN C 49 -39.99 -4.20 -22.61
C GLN C 49 -39.46 -3.53 -21.35
N LEU C 50 -40.15 -3.72 -20.22
CA LEU C 50 -39.69 -3.12 -18.97
C LEU C 50 -38.28 -3.59 -18.63
N ARG C 51 -37.98 -4.86 -18.89
CA ARG C 51 -36.63 -5.34 -18.65
C ARG C 51 -35.62 -4.60 -19.51
N GLN C 52 -35.92 -4.44 -20.81
CA GLN C 52 -34.97 -3.77 -21.68
C GLN C 52 -34.76 -2.33 -21.23
N ALA C 53 -35.84 -1.66 -20.79
CA ALA C 53 -35.69 -0.31 -20.25
C ALA C 53 -34.81 -0.31 -19.01
N ALA C 54 -35.04 -1.27 -18.10
CA ALA C 54 -34.25 -1.33 -16.88
C ALA C 54 -32.76 -1.49 -17.21
N PHE C 55 -32.45 -2.38 -18.16
CA PHE C 55 -31.07 -2.58 -18.57
C PHE C 55 -30.50 -1.27 -19.15
N ASP C 56 -31.26 -0.61 -20.02
CA ASP C 56 -30.78 0.62 -20.65
C ASP C 56 -30.44 1.67 -19.61
N LEU C 57 -31.35 1.91 -18.65
CA LEU C 57 -31.16 2.97 -17.66
C LEU C 57 -30.09 2.61 -16.65
N ASN C 58 -29.93 1.33 -16.31
CA ASN C 58 -28.82 0.97 -15.44
C ASN C 58 -27.50 1.24 -16.12
N ARG C 59 -27.39 0.88 -17.40
CA ARG C 59 -26.15 1.12 -18.14
C ARG C 59 -25.77 2.59 -18.10
N LYS C 60 -26.75 3.48 -18.30
CA LYS C 60 -26.50 4.92 -18.24
C LYS C 60 -25.96 5.33 -16.87
N ALA C 61 -26.57 4.83 -15.79
CA ALA C 61 -26.15 5.21 -14.44
C ALA C 61 -24.77 4.66 -14.11
N ASN C 62 -24.51 3.39 -14.47
CA ASN C 62 -23.19 2.82 -14.30
C ASN C 62 -22.12 3.58 -15.09
N GLN C 63 -22.38 3.84 -16.37
CA GLN C 63 -21.45 4.64 -17.18
C GLN C 63 -21.15 5.98 -16.52
N TYR C 64 -22.15 6.57 -15.86
CA TYR C 64 -21.92 7.87 -15.25
C TYR C 64 -21.03 7.75 -14.02
N TRP C 65 -21.27 6.73 -13.20
CA TRP C 65 -20.39 6.45 -12.08
C TRP C 65 -18.96 6.23 -12.55
N GLU C 66 -18.79 5.43 -13.60
CA GLU C 66 -17.45 5.13 -14.08
C GLU C 66 -16.77 6.37 -14.68
N GLN C 67 -17.55 7.28 -15.25
CA GLN C 67 -16.98 8.50 -15.81
C GLN C 67 -16.55 9.46 -14.70
N MET C 68 -17.28 9.46 -13.58
CA MET C 68 -16.85 10.23 -12.43
C MET C 68 -15.56 9.67 -11.86
N LEU C 69 -15.43 8.34 -11.78
CA LEU C 69 -14.17 7.74 -11.33
C LEU C 69 -13.04 8.11 -12.28
N SER C 70 -13.28 8.00 -13.58
CA SER C 70 -12.20 8.22 -14.53
C SER C 70 -11.79 9.69 -14.61
N ASP C 71 -12.66 10.61 -14.18
CA ASP C 71 -12.33 12.03 -14.21
C ASP C 71 -11.59 12.51 -12.97
N LEU C 72 -11.29 11.61 -12.03
CA LEU C 72 -10.67 12.03 -10.79
C LEU C 72 -9.16 12.25 -10.97
N LYS D 7 -41.28 -16.33 -6.94
CA LYS D 7 -40.78 -16.73 -8.26
C LYS D 7 -39.29 -16.44 -8.42
N TYR D 8 -38.85 -15.26 -7.95
CA TYR D 8 -37.43 -14.96 -7.91
C TYR D 8 -36.68 -15.98 -7.04
N THR D 9 -37.27 -16.35 -5.91
CA THR D 9 -36.66 -17.34 -5.03
C THR D 9 -36.66 -18.72 -5.67
N ARG D 10 -37.74 -19.06 -6.39
CA ARG D 10 -37.75 -20.35 -7.09
C ARG D 10 -36.62 -20.43 -8.11
N ARG D 11 -36.36 -19.34 -8.83
CA ARG D 11 -35.33 -19.36 -9.87
C ARG D 11 -33.92 -19.30 -9.27
N THR D 12 -33.70 -18.46 -8.25
CA THR D 12 -32.34 -18.20 -7.77
C THR D 12 -31.95 -19.02 -6.54
N GLY D 13 -32.90 -19.48 -5.75
CA GLY D 13 -32.57 -19.98 -4.43
C GLY D 13 -32.36 -18.91 -3.38
N ARG D 14 -32.56 -17.63 -3.73
CA ARG D 14 -32.32 -16.52 -2.81
C ARG D 14 -33.54 -15.60 -2.76
N THR D 15 -33.72 -14.93 -1.63
CA THR D 15 -34.77 -13.92 -1.55
C THR D 15 -34.25 -12.63 -2.13
N TRP D 16 -35.17 -11.89 -2.75
CA TRP D 16 -34.89 -10.53 -3.22
C TRP D 16 -34.25 -9.70 -2.12
N ALA D 17 -34.81 -9.76 -0.90
CA ALA D 17 -34.28 -8.94 0.20
C ALA D 17 -32.84 -9.30 0.53
N ASP D 18 -32.52 -10.59 0.52
CA ASP D 18 -31.16 -11.03 0.78
C ASP D 18 -30.20 -10.59 -0.31
N ASP D 19 -30.66 -10.61 -1.57
CA ASP D 19 -29.77 -10.21 -2.65
C ASP D 19 -29.61 -8.69 -2.68
N GLN D 20 -30.67 -7.97 -2.32
CA GLN D 20 -30.56 -6.52 -2.17
C GLN D 20 -29.52 -6.16 -1.11
N ALA D 21 -29.52 -6.87 0.02
CA ALA D 21 -28.51 -6.60 1.03
C ALA D 21 -27.12 -6.98 0.51
N THR D 22 -27.01 -8.09 -0.23
CA THR D 22 -25.71 -8.44 -0.78
C THR D 22 -25.25 -7.37 -1.77
N TYR D 23 -26.16 -6.93 -2.65
CA TYR D 23 -25.82 -5.86 -3.59
C TYR D 23 -25.44 -4.57 -2.87
N ASN D 24 -26.13 -4.27 -1.75
CA ASN D 24 -25.86 -3.03 -1.05
C ASN D 24 -24.44 -3.03 -0.49
N ARG D 25 -24.00 -4.17 0.05
CA ARG D 25 -22.62 -4.26 0.52
C ARG D 25 -21.64 -4.02 -0.63
N LEU D 26 -21.82 -4.73 -1.75
CA LEU D 26 -20.90 -4.57 -2.88
C LEU D 26 -20.88 -3.14 -3.37
N ARG D 27 -22.04 -2.48 -3.37
CA ARG D 27 -22.14 -1.09 -3.80
C ARG D 27 -21.38 -0.17 -2.85
N GLU D 28 -21.58 -0.35 -1.54
CA GLU D 28 -20.89 0.51 -0.58
C GLU D 28 -19.37 0.34 -0.67
N GLU D 29 -18.88 -0.90 -0.76
CA GLU D 29 -17.43 -1.09 -0.86
C GLU D 29 -16.90 -0.41 -2.13
N ALA D 30 -17.59 -0.58 -3.26
CA ALA D 30 -17.20 0.14 -4.47
C ALA D 30 -17.17 1.64 -4.22
N ASP D 31 -18.20 2.18 -3.56
CA ASP D 31 -18.25 3.62 -3.37
C ASP D 31 -17.17 4.08 -2.40
N ALA D 32 -16.91 3.30 -1.35
CA ALA D 32 -15.87 3.69 -0.39
C ALA D 32 -14.50 3.73 -1.05
N ALA D 33 -14.25 2.79 -1.97
CA ALA D 33 -12.97 2.76 -2.66
C ALA D 33 -12.79 3.98 -3.56
N ARG D 34 -13.82 4.35 -4.31
CA ARG D 34 -13.71 5.55 -5.12
C ARG D 34 -13.47 6.76 -4.24
N GLN D 35 -14.20 6.85 -3.13
CA GLN D 35 -14.02 7.95 -2.19
C GLN D 35 -12.61 7.96 -1.64
N LYS D 36 -12.08 6.78 -1.27
CA LYS D 36 -10.72 6.68 -0.79
C LYS D 36 -9.75 7.24 -1.82
N LEU D 37 -9.96 6.93 -3.10
CA LEU D 37 -9.12 7.48 -4.16
C LEU D 37 -9.20 8.99 -4.18
N ARG D 38 -10.39 9.54 -3.91
CA ARG D 38 -10.57 10.99 -3.98
C ARG D 38 -9.88 11.70 -2.84
N GLU D 39 -9.94 11.16 -1.62
CA GLU D 39 -9.28 11.77 -0.47
C GLU D 39 -7.81 11.40 -0.37
N SER D 40 -7.39 10.31 -1.02
CA SER D 40 -6.00 9.94 -0.98
C SER D 40 -5.15 10.97 -1.71
N GLY D 41 -3.90 11.06 -1.29
CA GLY D 41 -2.97 11.88 -2.02
C GLY D 41 -2.07 10.97 -2.82
N TYR D 42 -2.60 9.82 -3.20
CA TYR D 42 -1.80 8.84 -3.93
C TYR D 42 -1.41 9.40 -5.27
N SER D 43 -0.33 8.85 -5.81
CA SER D 43 0.17 9.24 -7.13
C SER D 43 0.66 7.98 -7.83
N GLY D 44 1.00 8.14 -9.11
CA GLY D 44 1.68 7.10 -9.85
C GLY D 44 0.96 5.77 -9.82
N ALA D 45 1.73 4.70 -9.72
CA ALA D 45 1.15 3.35 -9.80
C ALA D 45 0.17 3.11 -8.67
N GLU D 46 0.48 3.58 -7.46
CA GLU D 46 -0.46 3.39 -6.34
C GLU D 46 -1.79 4.09 -6.61
N TYR D 47 -1.78 5.24 -7.28
CA TYR D 47 -3.04 5.82 -7.70
C TYR D 47 -3.72 4.95 -8.73
N ASP D 48 -2.98 4.52 -9.76
CA ASP D 48 -3.57 3.65 -10.78
C ASP D 48 -4.16 2.40 -10.15
N GLN D 49 -3.49 1.85 -9.13
CA GLN D 49 -3.97 0.61 -8.54
C GLN D 49 -5.27 0.81 -7.77
N LEU D 50 -5.31 1.81 -6.88
CA LEU D 50 -6.55 2.11 -6.19
C LEU D 50 -7.69 2.37 -7.18
N ARG D 51 -7.39 3.13 -8.23
CA ARG D 51 -8.41 3.43 -9.24
C ARG D 51 -8.90 2.15 -9.93
N GLN D 52 -7.97 1.25 -10.28
CA GLN D 52 -8.36 -0.03 -10.84
C GLN D 52 -9.21 -0.83 -9.86
N ALA D 53 -8.84 -0.82 -8.58
CA ALA D 53 -9.62 -1.52 -7.57
C ALA D 53 -11.06 -0.97 -7.50
N ALA D 54 -11.21 0.35 -7.46
CA ALA D 54 -12.54 0.94 -7.46
C ALA D 54 -13.34 0.52 -8.68
N PHE D 55 -12.71 0.56 -9.85
CA PHE D 55 -13.39 0.10 -11.05
C PHE D 55 -13.83 -1.36 -10.92
N ASP D 56 -12.97 -2.22 -10.35
CA ASP D 56 -13.25 -3.64 -10.26
C ASP D 56 -14.42 -3.92 -9.32
N LEU D 57 -14.43 -3.24 -8.17
CA LEU D 57 -15.52 -3.44 -7.21
C LEU D 57 -16.83 -2.92 -7.76
N ASN D 58 -16.79 -1.81 -8.51
CA ASN D 58 -18.01 -1.30 -9.10
C ASN D 58 -18.59 -2.29 -10.11
N ARG D 59 -17.72 -2.84 -10.97
CA ARG D 59 -18.15 -3.86 -11.92
C ARG D 59 -18.81 -5.03 -11.19
N LYS D 60 -18.30 -5.39 -10.00
CA LYS D 60 -18.88 -6.53 -9.28
C LYS D 60 -20.27 -6.18 -8.75
N ALA D 61 -20.41 -4.99 -8.17
CA ALA D 61 -21.72 -4.49 -7.73
C ALA D 61 -22.67 -4.34 -8.91
N ASN D 62 -22.18 -3.79 -10.03
CA ASN D 62 -23.00 -3.59 -11.22
C ASN D 62 -23.46 -4.91 -11.84
N GLN D 63 -22.58 -5.89 -11.89
CA GLN D 63 -23.00 -7.18 -12.46
C GLN D 63 -23.99 -7.90 -11.55
N TYR D 64 -23.86 -7.75 -10.23
CA TYR D 64 -24.85 -8.34 -9.33
C TYR D 64 -26.23 -7.73 -9.55
N TRP D 65 -26.29 -6.40 -9.70
CA TRP D 65 -27.56 -5.76 -10.00
C TRP D 65 -28.13 -6.28 -11.30
N GLU D 66 -27.27 -6.42 -12.33
CA GLU D 66 -27.72 -6.91 -13.62
C GLU D 66 -28.17 -8.37 -13.56
N GLN D 67 -27.55 -9.16 -12.68
CA GLN D 67 -28.00 -10.54 -12.56
C GLN D 67 -29.34 -10.62 -11.85
N MET D 68 -29.57 -9.78 -10.83
CA MET D 68 -30.88 -9.74 -10.21
C MET D 68 -31.94 -9.31 -11.20
N LEU D 69 -31.60 -8.36 -12.09
CA LEU D 69 -32.56 -7.94 -13.10
C LEU D 69 -32.88 -9.09 -14.06
N SER D 70 -31.83 -9.77 -14.54
CA SER D 70 -32.03 -10.93 -15.40
C SER D 70 -32.87 -11.99 -14.72
N ASP D 71 -32.80 -12.08 -13.40
CA ASP D 71 -33.46 -13.18 -12.71
C ASP D 71 -34.92 -12.90 -12.42
N LEU D 72 -35.44 -11.72 -12.80
CA LEU D 72 -36.87 -11.42 -12.68
C LEU D 72 -37.55 -11.86 -13.97
N ARG D 73 -38.34 -12.94 -13.92
CA ARG D 73 -38.95 -13.49 -15.14
C ARG D 73 -40.44 -13.72 -14.97
N GLN D 74 -41.10 -13.82 -16.13
CA GLN D 74 -42.55 -14.01 -16.29
C GLN D 74 -43.34 -12.79 -15.86
#